data_6FHO
#
_entry.id   6FHO
#
_cell.length_a   47.077
_cell.length_b   63.257
_cell.length_c   128.628
_cell.angle_alpha   90.00
_cell.angle_beta   90.00
_cell.angle_gamma   90.00
#
_symmetry.space_group_name_H-M   'P 21 21 21'
#
loop_
_entity.id
_entity.type
_entity.pdbx_description
1 polymer 'Probable FAD-dependent monooxygenase'
2 non-polymer 'FLAVIN-ADENINE DINUCLEOTIDE'
3 water water
#
_entity_poly.entity_id   1
_entity_poly.type   'polypeptide(L)'
_entity_poly.pdbx_seq_one_letter_code
;GMTDNHIDVLINGCGIGGAMLAYLLGRQGHRVVVVEQARRERAINGADLLKPAGIRVVEAAGLLAEVTRRGGRVRHELEV
YHDGELLRYFNYSSVDARGYFILMPCESLRRLVLEKIDGEATVEMLFETRIEAVQRDERHAIDQVRLNDGRVLRPRVVVG
ADGIASYVRRRLLDIDVERRPYPSPMLVGTFALAPCVAERNRLYVDSQGGLAYFYPIGFDRARLVVSFPREEARELMADT
RGESLRRRLQRFVGDESAEAIAAVTGTSRFKGIPIGYLNLDRYWADNVAMLGDAIHNVHPITGQGMNLAIEDASALADAL
DLALRDACALEDALAGYQAERFPVNQAIVSYGHALATSLEDRQRFAGVFDTALQGSSRTPEALGGERSYQPVRSPAPLG
;
_entity_poly.pdbx_strand_id   A
#
loop_
_chem_comp.id
_chem_comp.type
_chem_comp.name
_chem_comp.formula
FAD non-polymer 'FLAVIN-ADENINE DINUCLEOTIDE' 'C27 H33 N9 O15 P2'
#
# COMPACT_ATOMS: atom_id res chain seq x y z
N ASP A 4 -31.49 6.04 -11.69
CA ASP A 4 -32.45 5.27 -10.84
C ASP A 4 -31.67 4.19 -10.07
N ASN A 5 -31.31 3.09 -10.71
CA ASN A 5 -30.17 2.29 -10.25
C ASN A 5 -28.92 2.55 -11.06
N HIS A 6 -28.96 3.60 -11.87
CA HIS A 6 -27.83 4.09 -12.63
C HIS A 6 -26.90 4.77 -11.63
N ILE A 7 -25.61 4.47 -11.70
CA ILE A 7 -24.61 5.15 -10.89
C ILE A 7 -23.44 5.43 -11.76
N ASP A 8 -22.55 6.30 -11.30
CA ASP A 8 -21.39 6.64 -12.00
C ASP A 8 -20.32 5.58 -11.88
N VAL A 9 -19.98 5.20 -10.64
CA VAL A 9 -18.86 4.30 -10.40
C VAL A 9 -19.15 3.28 -9.36
N LEU A 10 -18.91 1.98 -9.70
CA LEU A 10 -18.99 0.90 -8.71
C LEU A 10 -17.53 0.53 -8.42
N ILE A 11 -17.15 0.69 -7.17
CA ILE A 11 -15.78 0.41 -6.75
C ILE A 11 -15.81 -0.90 -5.98
N ASN A 12 -15.06 -1.91 -6.49
CA ASN A 12 -14.90 -3.12 -5.75
C ASN A 12 -13.70 -3.04 -4.81
N GLY A 13 -13.97 -3.09 -3.51
CA GLY A 13 -12.94 -3.10 -2.45
C GLY A 13 -12.89 -1.73 -1.82
N CYS A 14 -12.94 -1.69 -0.50
CA CYS A 14 -12.84 -0.45 0.27
C CYS A 14 -11.57 -0.50 1.17
N GLY A 15 -10.48 -0.85 0.54
CA GLY A 15 -9.18 -0.69 1.13
C GLY A 15 -8.76 0.77 1.09
N ILE A 16 -7.50 1.02 1.33
CA ILE A 16 -7.00 2.41 1.34
C ILE A 16 -7.17 3.04 -0.06
N GLY A 17 -6.88 2.28 -1.13
CA GLY A 17 -7.06 2.80 -2.47
C GLY A 17 -8.49 3.12 -2.84
N GLY A 18 -9.35 2.11 -2.62
CA GLY A 18 -10.75 2.19 -2.93
C GLY A 18 -11.41 3.33 -2.14
N ALA A 19 -11.08 3.41 -0.85
CA ALA A 19 -11.64 4.48 0.03
C ALA A 19 -11.24 5.86 -0.48
N MET A 20 -9.98 6.02 -0.85
CA MET A 20 -9.53 7.33 -1.23
C MET A 20 -10.18 7.67 -2.56
N LEU A 21 -10.28 6.73 -3.49
CA LEU A 21 -10.93 7.01 -4.76
C LEU A 21 -12.39 7.37 -4.50
N ALA A 22 -13.06 6.63 -3.63
CA ALA A 22 -14.49 6.91 -3.37
C ALA A 22 -14.66 8.32 -2.80
N TYR A 23 -13.81 8.70 -1.90
CA TYR A 23 -13.91 10.06 -1.29
C TYR A 23 -13.66 11.16 -2.30
N LEU A 24 -12.61 11.02 -3.10
CA LEU A 24 -12.29 12.01 -4.09
C LEU A 24 -13.37 12.14 -5.14
N LEU A 25 -13.94 11.02 -5.57
CA LEU A 25 -15.09 11.10 -6.49
C LEU A 25 -16.34 11.67 -5.84
N GLY A 26 -16.60 11.28 -4.59
CA GLY A 26 -17.77 11.74 -3.90
C GLY A 26 -17.71 13.24 -3.63
N ARG A 27 -16.53 13.76 -3.33
CA ARG A 27 -16.30 15.19 -3.12
C ARG A 27 -16.73 15.97 -4.37
N GLN A 28 -16.46 15.41 -5.54
CA GLN A 28 -16.86 15.99 -6.81
C GLN A 28 -18.36 15.81 -7.14
N GLY A 29 -19.15 15.17 -6.29
CA GLY A 29 -20.56 14.93 -6.52
C GLY A 29 -20.93 13.76 -7.45
N HIS A 30 -19.96 12.90 -7.77
CA HIS A 30 -20.28 11.66 -8.49
C HIS A 30 -20.99 10.60 -7.67
N ARG A 31 -21.79 9.76 -8.34
CA ARG A 31 -22.60 8.84 -7.64
C ARG A 31 -21.82 7.49 -7.59
N VAL A 32 -21.44 7.13 -6.37
CA VAL A 32 -20.50 6.05 -6.15
C VAL A 32 -21.10 5.03 -5.23
N VAL A 33 -20.92 3.74 -5.60
CA VAL A 33 -21.23 2.62 -4.74
C VAL A 33 -19.94 1.81 -4.53
N VAL A 34 -19.54 1.66 -3.27
CA VAL A 34 -18.36 0.85 -2.88
C VAL A 34 -18.81 -0.46 -2.27
N VAL A 35 -18.24 -1.56 -2.79
CA VAL A 35 -18.59 -2.89 -2.34
C VAL A 35 -17.39 -3.48 -1.63
N GLU A 36 -17.57 -3.90 -0.38
CA GLU A 36 -16.50 -4.42 0.41
C GLU A 36 -16.93 -5.71 1.06
N GLN A 37 -16.13 -6.76 0.86
CA GLN A 37 -16.52 -8.11 1.38
C GLN A 37 -16.44 -8.22 2.91
N ALA A 38 -15.52 -7.46 3.52
CA ALA A 38 -15.32 -7.51 4.93
C ALA A 38 -16.31 -6.57 5.67
N ARG A 39 -16.41 -6.75 6.97
CA ARG A 39 -17.02 -5.76 7.84
C ARG A 39 -16.17 -4.50 7.85
N ARG A 40 -16.83 -3.34 8.02
CA ARG A 40 -16.12 -2.07 8.16
C ARG A 40 -15.01 -2.05 9.24
N GLU A 41 -15.31 -2.59 10.40
CA GLU A 41 -14.40 -2.52 11.56
C GLU A 41 -13.23 -3.48 11.44
N ARG A 42 -13.30 -4.45 10.56
CA ARG A 42 -12.13 -5.28 10.37
C ARG A 42 -10.93 -4.41 10.06
N ALA A 43 -9.94 -4.43 10.93
CA ALA A 43 -8.74 -3.66 10.71
C ALA A 43 -7.79 -4.51 9.86
N ILE A 44 -7.48 -4.07 8.64
CA ILE A 44 -6.32 -4.64 7.99
C ILE A 44 -5.14 -3.72 8.29
N ASN A 45 -4.24 -4.22 9.14
CA ASN A 45 -2.89 -3.69 9.17
C ASN A 45 -2.24 -3.90 7.79
N GLY A 46 -1.29 -3.04 7.50
CA GLY A 46 -0.76 -2.92 6.17
C GLY A 46 0.39 -1.96 6.23
N ALA A 47 0.64 -1.32 5.13
CA ALA A 47 1.80 -0.43 5.02
C ALA A 47 1.62 0.81 5.89
N ASP A 48 2.75 1.47 6.11
CA ASP A 48 2.84 2.63 7.02
C ASP A 48 3.38 3.89 6.38
N LEU A 49 3.73 3.87 5.11
CA LEU A 49 4.52 4.96 4.55
C LEU A 49 3.74 5.78 3.54
N LEU A 50 3.82 7.09 3.68
CA LEU A 50 3.41 7.99 2.62
C LEU A 50 4.63 8.80 2.18
N LYS A 51 4.89 8.75 0.89
CA LYS A 51 6.04 9.43 0.27
C LYS A 51 5.44 10.78 -0.25
N PRO A 52 6.29 11.72 -0.63
CA PRO A 52 5.76 13.06 -1.03
C PRO A 52 4.59 13.07 -2.00
N ALA A 53 4.59 12.21 -3.03
CA ALA A 53 3.42 12.18 -3.98
C ALA A 53 2.14 11.75 -3.32
N GLY A 54 2.23 10.76 -2.39
CA GLY A 54 1.03 10.41 -1.64
C GLY A 54 0.54 11.47 -0.72
N ILE A 55 1.48 12.19 -0.07
CA ILE A 55 1.16 13.24 0.82
C ILE A 55 0.45 14.37 0.03
N ARG A 56 0.90 14.62 -1.18
CA ARG A 56 0.15 15.60 -2.00
C ARG A 56 -1.28 15.25 -2.19
N VAL A 57 -1.63 13.97 -2.37
CA VAL A 57 -3.05 13.54 -2.49
C VAL A 57 -3.81 13.77 -1.21
N VAL A 58 -3.16 13.39 -0.11
CA VAL A 58 -3.79 13.55 1.21
C VAL A 58 -4.05 15.04 1.46
N GLU A 59 -3.10 15.82 1.08
CA GLU A 59 -3.21 17.29 1.27
C GLU A 59 -4.31 17.86 0.38
N ALA A 60 -4.38 17.38 -0.87
CA ALA A 60 -5.45 17.84 -1.77
C ALA A 60 -6.82 17.40 -1.25
N ALA A 61 -6.92 16.21 -0.63
CA ALA A 61 -8.17 15.75 0.01
C ALA A 61 -8.59 16.53 1.26
N GLY A 62 -7.75 17.46 1.74
CA GLY A 62 -8.02 18.21 2.95
C GLY A 62 -7.73 17.47 4.23
N LEU A 63 -6.92 16.41 4.12
CA LEU A 63 -6.71 15.50 5.23
C LEU A 63 -5.40 15.66 6.00
N LEU A 64 -4.48 16.48 5.51
CA LEU A 64 -3.12 16.45 6.05
C LEU A 64 -3.04 16.83 7.54
N ALA A 65 -3.80 17.86 7.95
CA ALA A 65 -3.82 18.22 9.35
C ALA A 65 -4.28 17.05 10.24
N GLU A 66 -5.36 16.36 9.84
CA GLU A 66 -5.86 15.28 10.58
C GLU A 66 -4.95 14.09 10.65
N VAL A 67 -4.15 13.91 9.62
CA VAL A 67 -3.16 12.85 9.70
C VAL A 67 -2.21 12.95 10.88
N THR A 68 -1.60 14.14 11.09
CA THR A 68 -0.74 14.26 12.26
C THR A 68 -1.54 14.30 13.59
N ARG A 69 -2.74 14.90 13.58
CA ARG A 69 -3.59 14.84 14.78
C ARG A 69 -3.94 13.42 15.23
N ARG A 70 -3.92 12.49 14.28
CA ARG A 70 -4.21 11.10 14.59
C ARG A 70 -2.99 10.22 14.65
N GLY A 71 -1.80 10.81 14.92
CA GLY A 71 -0.62 9.98 15.18
C GLY A 71 0.35 9.76 14.02
N GLY A 72 0.04 10.33 12.87
CA GLY A 72 0.97 10.33 11.76
C GLY A 72 2.17 11.13 12.10
N ARG A 73 3.31 10.76 11.54
CA ARG A 73 4.56 11.37 11.93
C ARG A 73 5.30 11.84 10.70
N VAL A 74 5.61 13.11 10.67
CA VAL A 74 6.49 13.68 9.61
C VAL A 74 7.92 13.27 9.93
N ARG A 75 8.62 12.76 8.90
CA ARG A 75 10.02 12.41 9.02
C ARG A 75 10.79 12.88 7.77
N HIS A 76 12.08 13.08 7.95
CA HIS A 76 12.88 13.40 6.74
C HIS A 76 14.24 12.76 6.66
N GLU A 77 14.47 11.74 7.46
CA GLU A 77 15.80 11.08 7.51
C GLU A 77 15.70 9.58 7.49
N LEU A 78 16.72 8.90 6.94
CA LEU A 78 16.85 7.53 7.09
C LEU A 78 18.33 7.17 7.17
N GLU A 79 18.69 6.29 8.10
CA GLU A 79 20.00 5.65 8.09
C GLU A 79 19.88 4.20 7.62
N VAL A 80 20.82 3.77 6.78
CA VAL A 80 20.92 2.42 6.33
C VAL A 80 22.29 1.88 6.76
N TYR A 81 22.29 0.78 7.48
CA TYR A 81 23.50 0.07 7.92
C TYR A 81 23.70 -1.26 7.19
N HIS A 82 24.96 -1.63 6.87
CA HIS A 82 25.22 -2.94 6.30
C HIS A 82 26.33 -3.55 7.14
N ASP A 83 26.07 -4.74 7.67
CA ASP A 83 27.02 -5.43 8.58
C ASP A 83 27.44 -4.47 9.71
N GLY A 84 26.49 -3.71 10.24
CA GLY A 84 26.70 -3.00 11.46
C GLY A 84 27.27 -1.60 11.28
N GLU A 85 27.73 -1.23 10.08
CA GLU A 85 28.29 0.07 9.80
C GLU A 85 27.41 0.88 8.90
N LEU A 86 27.45 2.20 9.11
CA LEU A 86 26.59 3.05 8.36
C LEU A 86 27.03 3.07 6.90
N LEU A 87 26.08 2.76 6.04
CA LEU A 87 26.30 2.69 4.59
C LEU A 87 25.81 3.97 3.89
N ARG A 88 24.63 4.49 4.28
CA ARG A 88 24.01 5.64 3.63
C ARG A 88 23.22 6.38 4.67
N TYR A 89 23.29 7.71 4.65
CA TYR A 89 22.34 8.53 5.41
C TYR A 89 21.64 9.38 4.38
N PHE A 90 20.32 9.50 4.52
CA PHE A 90 19.50 10.23 3.59
C PHE A 90 18.77 11.28 4.35
N ASN A 91 18.94 12.52 3.87
CA ASN A 91 18.11 13.64 4.29
C ASN A 91 17.27 14.05 3.13
N TYR A 92 16.00 13.70 3.20
CA TYR A 92 15.06 13.90 2.09
C TYR A 92 14.66 15.36 1.89
N SER A 93 14.98 16.23 2.85
CA SER A 93 14.56 17.64 2.79
C SER A 93 15.73 18.59 2.68
N SER A 94 16.90 18.08 2.34
CA SER A 94 18.12 18.90 2.44
C SER A 94 18.12 19.96 1.34
N VAL A 95 17.57 19.55 0.19
CA VAL A 95 17.34 20.41 -0.97
C VAL A 95 15.89 20.93 -1.07
N ASP A 96 14.91 20.08 -0.77
CA ASP A 96 13.47 20.39 -0.91
C ASP A 96 12.73 20.29 0.43
N ALA A 97 12.22 21.40 0.93
CA ALA A 97 11.52 21.44 2.22
C ALA A 97 10.33 20.48 2.28
N ARG A 98 9.71 20.19 1.12
CA ARG A 98 8.59 19.22 0.99
C ARG A 98 9.07 17.78 0.63
N GLY A 99 10.33 17.49 0.86
CA GLY A 99 10.82 16.14 0.59
C GLY A 99 10.49 15.16 1.71
N TYR A 100 9.75 15.62 2.71
CA TYR A 100 9.59 14.81 3.91
C TYR A 100 8.61 13.65 3.56
N PHE A 101 8.65 12.60 4.35
CA PHE A 101 7.68 11.52 4.24
C PHE A 101 6.86 11.46 5.54
N ILE A 102 5.81 10.67 5.57
CA ILE A 102 5.00 10.49 6.76
C ILE A 102 4.87 9.00 7.11
N LEU A 103 5.01 8.66 8.38
CA LEU A 103 4.64 7.32 8.87
C LEU A 103 3.24 7.40 9.42
N MET A 104 2.33 6.57 8.92
CA MET A 104 0.89 6.60 9.31
C MET A 104 0.33 5.20 9.01
N PRO A 105 -0.19 4.51 10.04
CA PRO A 105 -0.75 3.18 9.78
C PRO A 105 -1.82 3.24 8.76
N CYS A 106 -1.81 2.28 7.84
CA CYS A 106 -2.82 2.13 6.77
C CYS A 106 -4.22 2.23 7.43
N GLU A 107 -4.43 1.43 8.46
CA GLU A 107 -5.82 1.43 9.07
C GLU A 107 -6.27 2.76 9.70
N SER A 108 -5.34 3.50 10.30
CA SER A 108 -5.61 4.87 10.79
C SER A 108 -6.08 5.77 9.64
N LEU A 109 -5.35 5.74 8.54
CA LEU A 109 -5.68 6.64 7.41
C LEU A 109 -6.99 6.18 6.79
N ARG A 110 -7.17 4.86 6.64
CA ARG A 110 -8.40 4.38 6.03
C ARG A 110 -9.59 4.79 6.92
N ARG A 111 -9.45 4.64 8.24
CA ARG A 111 -10.60 5.05 9.12
C ARG A 111 -10.97 6.54 8.98
N LEU A 112 -9.98 7.41 8.86
CA LEU A 112 -10.19 8.80 8.60
C LEU A 112 -10.95 9.02 7.33
N VAL A 113 -10.49 8.41 6.24
CA VAL A 113 -11.14 8.58 4.96
C VAL A 113 -12.60 8.08 5.02
N LEU A 114 -12.86 6.95 5.70
CA LEU A 114 -14.21 6.41 5.82
C LEU A 114 -15.12 7.40 6.60
N GLU A 115 -14.58 8.04 7.62
CA GLU A 115 -15.33 9.11 8.32
C GLU A 115 -15.76 10.25 7.38
N LYS A 116 -14.90 10.64 6.47
CA LYS A 116 -15.26 11.66 5.49
C LYS A 116 -16.30 11.15 4.46
N ILE A 117 -16.15 9.91 4.04
CA ILE A 117 -17.12 9.33 3.10
C ILE A 117 -18.52 9.34 3.75
N ASP A 118 -18.56 9.08 5.05
CA ASP A 118 -19.84 9.05 5.80
C ASP A 118 -20.61 10.37 5.63
N GLY A 119 -19.94 11.47 5.40
CA GLY A 119 -20.61 12.72 5.09
C GLY A 119 -20.82 13.08 3.65
N GLU A 120 -20.53 12.17 2.69
CA GLU A 120 -20.68 12.45 1.27
C GLU A 120 -21.93 11.77 0.80
N ALA A 121 -22.99 12.57 0.58
CA ALA A 121 -24.28 12.03 0.35
C ALA A 121 -24.37 11.22 -0.96
N THR A 122 -23.49 11.48 -1.94
CA THR A 122 -23.52 10.72 -3.18
C THR A 122 -22.75 9.39 -3.16
N VAL A 123 -22.16 9.03 -2.03
CA VAL A 123 -21.40 7.77 -1.92
C VAL A 123 -22.14 6.81 -1.04
N GLU A 124 -22.29 5.58 -1.45
CA GLU A 124 -22.94 4.58 -0.62
C GLU A 124 -21.93 3.44 -0.40
N MET A 125 -21.57 3.17 0.86
CA MET A 125 -20.60 2.11 1.17
C MET A 125 -21.38 0.87 1.62
N LEU A 126 -21.15 -0.22 0.91
CA LEU A 126 -21.77 -1.52 1.23
C LEU A 126 -20.74 -2.51 1.81
N PHE A 127 -20.80 -2.78 3.09
CA PHE A 127 -19.90 -3.77 3.69
C PHE A 127 -20.52 -5.15 3.78
N GLU A 128 -19.67 -6.13 3.96
CA GLU A 128 -20.08 -7.56 3.87
C GLU A 128 -20.91 -7.83 2.65
N THR A 129 -20.47 -7.27 1.53
CA THR A 129 -21.15 -7.38 0.26
C THR A 129 -20.16 -7.73 -0.84
N ARG A 130 -20.61 -8.46 -1.86
CA ARG A 130 -19.76 -8.90 -2.96
C ARG A 130 -20.55 -8.83 -4.28
N ILE A 131 -19.82 -8.70 -5.37
CA ILE A 131 -20.36 -8.80 -6.68
C ILE A 131 -20.65 -10.29 -6.90
N GLU A 132 -21.87 -10.58 -7.37
CA GLU A 132 -22.29 -11.97 -7.76
C GLU A 132 -22.12 -12.22 -9.28
N ALA A 133 -22.66 -11.32 -10.10
CA ALA A 133 -22.66 -11.44 -11.54
C ALA A 133 -22.71 -10.07 -12.29
N VAL A 134 -22.13 -10.05 -13.47
CA VAL A 134 -22.17 -8.89 -14.36
C VAL A 134 -22.73 -9.27 -15.71
N GLN A 135 -23.13 -8.23 -16.43
CA GLN A 135 -23.70 -8.34 -17.77
CA GLN A 135 -23.65 -8.37 -17.77
C GLN A 135 -23.01 -7.27 -18.60
N ARG A 136 -22.61 -7.63 -19.81
CA ARG A 136 -22.03 -6.70 -20.71
C ARG A 136 -22.95 -6.38 -21.86
N ASP A 137 -22.69 -5.24 -22.50
CA ASP A 137 -23.53 -4.76 -23.60
C ASP A 137 -22.89 -5.14 -24.91
N GLU A 138 -23.55 -4.80 -26.03
CA GLU A 138 -23.00 -5.18 -27.34
C GLU A 138 -21.60 -4.63 -27.56
N ARG A 139 -21.21 -3.55 -26.87
CA ARG A 139 -19.85 -3.03 -26.96
C ARG A 139 -18.85 -3.61 -25.92
N HIS A 140 -19.25 -4.62 -25.18
CA HIS A 140 -18.41 -5.33 -24.18
C HIS A 140 -18.10 -4.42 -22.97
N ALA A 141 -18.95 -3.45 -22.68
CA ALA A 141 -18.83 -2.65 -21.47
C ALA A 141 -19.80 -3.26 -20.49
N ILE A 142 -19.47 -3.25 -19.19
CA ILE A 142 -20.32 -3.81 -18.23
C ILE A 142 -21.46 -2.84 -18.13
N ASP A 143 -22.69 -3.32 -18.17
CA ASP A 143 -23.81 -2.41 -18.15
C ASP A 143 -24.69 -2.60 -16.93
N GLN A 144 -24.56 -3.77 -16.30
CA GLN A 144 -25.30 -4.13 -15.12
C GLN A 144 -24.45 -5.02 -14.20
N VAL A 145 -24.67 -4.86 -12.91
CA VAL A 145 -23.93 -5.64 -11.89
C VAL A 145 -24.90 -6.04 -10.84
N ARG A 146 -24.95 -7.33 -10.50
CA ARG A 146 -25.77 -7.77 -9.42
C ARG A 146 -24.91 -8.12 -8.29
N LEU A 147 -25.31 -7.70 -7.08
CA LEU A 147 -24.60 -7.98 -5.85
C LEU A 147 -25.20 -9.20 -5.16
N ASN A 148 -24.48 -9.74 -4.20
CA ASN A 148 -24.94 -10.93 -3.45
C ASN A 148 -26.15 -10.69 -2.54
N ASP A 149 -26.52 -9.45 -2.31
CA ASP A 149 -27.73 -9.16 -1.56
C ASP A 149 -28.91 -9.06 -2.48
N GLY A 150 -28.71 -9.21 -3.79
CA GLY A 150 -29.80 -9.07 -4.74
C GLY A 150 -29.91 -7.70 -5.42
N ARG A 151 -29.23 -6.71 -4.88
CA ARG A 151 -29.16 -5.37 -5.45
C ARG A 151 -28.63 -5.37 -6.89
N VAL A 152 -29.29 -4.67 -7.81
CA VAL A 152 -28.82 -4.52 -9.18
C VAL A 152 -28.50 -3.05 -9.50
N LEU A 153 -27.32 -2.84 -10.08
CA LEU A 153 -26.84 -1.51 -10.37
C LEU A 153 -26.45 -1.42 -11.80
N ARG A 154 -26.51 -0.20 -12.34
CA ARG A 154 -26.04 0.08 -13.70
C ARG A 154 -24.98 1.15 -13.73
N PRO A 155 -23.71 0.76 -13.67
CA PRO A 155 -22.65 1.73 -13.48
C PRO A 155 -22.02 2.16 -14.77
N ARG A 156 -21.59 3.40 -14.86
CA ARG A 156 -20.87 3.80 -16.01
C ARG A 156 -19.48 3.19 -16.02
N VAL A 157 -18.93 3.02 -14.81
CA VAL A 157 -17.53 2.61 -14.64
C VAL A 157 -17.46 1.64 -13.47
N VAL A 158 -16.67 0.60 -13.66
CA VAL A 158 -16.33 -0.38 -12.62
C VAL A 158 -14.84 -0.34 -12.31
N VAL A 159 -14.51 -0.31 -11.01
CA VAL A 159 -13.12 -0.18 -10.63
C VAL A 159 -12.73 -1.30 -9.69
N GLY A 160 -11.60 -1.95 -10.02
CA GLY A 160 -10.97 -2.88 -9.12
C GLY A 160 -9.98 -2.22 -8.21
N ALA A 161 -10.43 -2.06 -6.99
CA ALA A 161 -9.63 -1.57 -5.82
C ALA A 161 -9.57 -2.72 -4.80
N ASP A 162 -9.46 -3.95 -5.33
CA ASP A 162 -9.74 -5.10 -4.55
C ASP A 162 -8.48 -5.97 -4.26
N GLY A 163 -7.33 -5.35 -4.47
CA GLY A 163 -6.10 -5.80 -3.83
C GLY A 163 -5.41 -6.89 -4.55
N ILE A 164 -4.46 -7.54 -3.84
CA ILE A 164 -3.50 -8.41 -4.59
C ILE A 164 -4.15 -9.62 -5.25
N ALA A 165 -5.27 -10.08 -4.72
CA ALA A 165 -6.04 -11.18 -5.38
C ALA A 165 -7.32 -10.69 -6.10
N SER A 166 -7.25 -9.47 -6.60
CA SER A 166 -8.37 -8.79 -7.26
C SER A 166 -9.35 -9.71 -8.02
N TYR A 167 -10.55 -9.77 -7.52
CA TYR A 167 -11.67 -10.36 -8.24
C TYR A 167 -11.86 -9.68 -9.63
N VAL A 168 -11.80 -8.36 -9.70
CA VAL A 168 -12.00 -7.67 -10.96
C VAL A 168 -10.98 -8.08 -12.00
N ARG A 169 -9.71 -8.13 -11.61
CA ARG A 169 -8.65 -8.60 -12.48
C ARG A 169 -8.90 -10.05 -12.98
N ARG A 170 -9.20 -10.90 -12.02
CA ARG A 170 -9.18 -12.33 -12.30
C ARG A 170 -10.45 -12.73 -13.01
N ARG A 171 -11.59 -12.18 -12.57
CA ARG A 171 -12.92 -12.60 -13.01
CA ARG A 171 -12.91 -12.60 -13.03
C ARG A 171 -13.61 -11.69 -13.99
N LEU A 172 -13.40 -10.39 -13.88
CA LEU A 172 -14.06 -9.54 -14.83
C LEU A 172 -13.19 -9.26 -16.01
N LEU A 173 -11.90 -9.11 -15.84
CA LEU A 173 -11.02 -8.94 -16.95
C LEU A 173 -10.36 -10.24 -17.39
N ASP A 174 -10.62 -11.34 -16.68
CA ASP A 174 -10.06 -12.62 -17.02
C ASP A 174 -8.53 -12.64 -17.23
N ILE A 175 -7.80 -11.92 -16.36
CA ILE A 175 -6.38 -11.87 -16.46
C ILE A 175 -5.83 -12.83 -15.42
N ASP A 176 -4.82 -13.60 -15.81
CA ASP A 176 -4.17 -14.49 -14.85
C ASP A 176 -2.76 -13.91 -14.71
N VAL A 177 -2.21 -14.02 -13.52
CA VAL A 177 -0.93 -13.41 -13.25
C VAL A 177 0.00 -14.52 -12.76
N GLU A 178 1.19 -14.66 -13.35
CA GLU A 178 2.16 -15.63 -12.85
C GLU A 178 2.66 -15.14 -11.51
N ARG A 179 2.82 -16.02 -10.54
CA ARG A 179 3.55 -15.66 -9.29
C ARG A 179 4.96 -16.11 -9.35
N ARG A 180 5.84 -15.44 -8.63
CA ARG A 180 7.12 -16.06 -8.30
C ARG A 180 7.50 -15.64 -6.92
N PRO A 181 7.49 -16.60 -6.01
CA PRO A 181 7.81 -16.28 -4.64
C PRO A 181 9.29 -15.91 -4.52
N TYR A 182 9.58 -15.09 -3.51
CA TYR A 182 10.95 -14.81 -3.12
C TYR A 182 11.43 -15.81 -2.04
N PRO A 183 12.74 -15.99 -1.95
CA PRO A 183 13.20 -16.96 -0.94
C PRO A 183 13.27 -16.45 0.53
N SER A 184 13.08 -15.15 0.74
CA SER A 184 13.05 -14.66 2.09
C SER A 184 11.70 -14.04 2.35
N PRO A 185 11.03 -14.44 3.42
CA PRO A 185 9.79 -13.72 3.75
C PRO A 185 10.15 -12.45 4.50
N MET A 186 9.14 -11.61 4.67
CA MET A 186 9.27 -10.38 5.48
CA MET A 186 9.26 -10.38 5.47
C MET A 186 8.14 -10.38 6.48
N LEU A 187 8.45 -10.04 7.71
CA LEU A 187 7.47 -10.05 8.77
C LEU A 187 7.50 -8.76 9.56
N VAL A 188 6.41 -8.37 10.18
CA VAL A 188 6.39 -7.13 10.90
C VAL A 188 5.75 -7.34 12.28
N GLY A 189 6.38 -6.77 13.28
CA GLY A 189 5.84 -6.76 14.65
C GLY A 189 5.83 -5.38 15.27
N THR A 190 4.96 -5.20 16.24
CA THR A 190 4.74 -3.93 16.93
C THR A 190 5.16 -4.06 18.40
N PHE A 191 5.98 -3.12 18.84
CA PHE A 191 6.57 -3.14 20.15
C PHE A 191 6.52 -1.77 20.80
N ALA A 192 6.91 -1.72 22.09
CA ALA A 192 7.06 -0.46 22.76
C ALA A 192 8.09 0.38 22.03
N LEU A 193 7.93 1.70 22.18
CA LEU A 193 8.75 2.65 21.47
C LEU A 193 10.02 3.06 22.23
N ALA A 194 11.21 2.73 21.74
CA ALA A 194 12.49 3.21 22.36
C ALA A 194 12.89 4.60 21.88
N PRO A 195 13.57 5.41 22.74
CA PRO A 195 14.00 6.73 22.35
C PRO A 195 14.77 6.73 21.01
N CYS A 196 15.63 5.73 20.78
CA CYS A 196 16.43 5.69 19.58
C CYS A 196 15.54 5.63 18.30
N VAL A 197 14.39 4.96 18.40
CA VAL A 197 13.47 4.73 17.24
C VAL A 197 12.70 6.04 17.09
N ALA A 198 12.29 6.65 18.24
CA ALA A 198 11.63 7.92 18.16
C ALA A 198 12.47 9.02 17.46
N GLU A 199 13.80 8.90 17.65
CA GLU A 199 14.75 9.78 17.06
C GLU A 199 14.87 9.68 15.52
N ARG A 200 15.09 8.46 14.99
CA ARG A 200 15.43 8.32 13.60
C ARG A 200 15.12 6.92 13.08
N ASN A 201 14.66 6.84 11.85
CA ASN A 201 14.40 5.58 11.17
C ASN A 201 15.75 4.93 10.88
N ARG A 202 15.91 3.66 11.23
CA ARG A 202 17.18 2.98 10.92
C ARG A 202 16.88 1.60 10.30
N LEU A 203 17.47 1.34 9.13
CA LEU A 203 17.41 0.07 8.43
C LEU A 203 18.75 -0.61 8.48
N TYR A 204 18.72 -1.88 8.85
CA TYR A 204 19.90 -2.72 9.00
C TYR A 204 19.84 -3.89 8.11
N VAL A 205 20.94 -4.20 7.41
CA VAL A 205 20.99 -5.42 6.58
C VAL A 205 22.36 -6.07 6.78
N ASP A 206 22.46 -7.35 6.47
CA ASP A 206 23.79 -8.03 6.57
C ASP A 206 24.04 -9.00 5.44
N SER A 207 25.33 -9.39 5.35
CA SER A 207 25.85 -10.25 4.30
C SER A 207 25.33 -11.64 4.32
N GLN A 208 24.61 -12.02 5.37
CA GLN A 208 23.95 -13.33 5.50
C GLN A 208 22.48 -13.26 5.08
N GLY A 209 22.06 -12.10 4.59
CA GLY A 209 20.67 -11.91 4.17
C GLY A 209 19.65 -11.46 5.22
N GLY A 210 20.11 -10.97 6.35
CA GLY A 210 19.24 -10.45 7.39
C GLY A 210 18.87 -8.99 7.12
N LEU A 211 17.66 -8.61 7.57
CA LEU A 211 17.22 -7.30 7.44
C LEU A 211 16.43 -7.02 8.70
N ALA A 212 16.60 -5.80 9.24
CA ALA A 212 15.75 -5.35 10.33
C ALA A 212 15.57 -3.85 10.19
N TYR A 213 14.32 -3.37 10.19
CA TYR A 213 14.03 -1.98 9.99
C TYR A 213 13.14 -1.54 11.12
N PHE A 214 13.60 -0.51 11.85
CA PHE A 214 12.95 -0.05 13.09
C PHE A 214 12.44 1.36 12.84
N TYR A 215 11.19 1.63 13.15
CA TYR A 215 10.67 2.94 12.88
C TYR A 215 9.46 3.16 13.77
N PRO A 216 9.27 4.37 14.19
CA PRO A 216 8.10 4.61 15.05
C PRO A 216 6.76 4.57 14.33
N ILE A 217 5.65 4.29 15.06
CA ILE A 217 4.36 4.28 14.44
C ILE A 217 3.28 4.62 15.44
N GLY A 218 2.39 5.49 15.02
CA GLY A 218 1.44 6.00 16.00
C GLY A 218 2.14 6.88 17.02
N PHE A 219 1.44 7.19 18.09
CA PHE A 219 2.00 8.02 19.13
C PHE A 219 3.07 7.32 20.01
N ASP A 220 2.91 6.02 20.27
CA ASP A 220 3.67 5.38 21.33
C ASP A 220 4.04 3.91 21.06
N ARG A 221 4.19 3.56 19.77
CA ARG A 221 4.62 2.23 19.41
C ARG A 221 5.76 2.33 18.36
N ALA A 222 6.37 1.20 18.11
CA ALA A 222 7.40 1.08 17.08
C ALA A 222 7.09 -0.16 16.29
N ARG A 223 7.49 -0.13 15.03
CA ARG A 223 7.51 -1.32 14.22
C ARG A 223 8.92 -1.83 14.14
N LEU A 224 9.01 -3.12 13.98
CA LEU A 224 10.23 -3.80 13.55
C LEU A 224 9.85 -4.66 12.40
N VAL A 225 10.38 -4.38 11.21
CA VAL A 225 10.18 -5.24 10.05
C VAL A 225 11.45 -6.07 9.88
N VAL A 226 11.34 -7.38 9.73
CA VAL A 226 12.51 -8.26 9.51
C VAL A 226 12.36 -9.17 8.35
N SER A 227 13.49 -9.59 7.81
CA SER A 227 13.52 -10.59 6.79
C SER A 227 14.78 -11.40 7.01
N PHE A 228 14.62 -12.69 6.82
CA PHE A 228 15.73 -13.65 6.79
C PHE A 228 15.33 -14.76 5.79
N PRO A 229 16.31 -15.52 5.25
CA PRO A 229 15.93 -16.66 4.43
C PRO A 229 14.88 -17.56 5.14
N ARG A 230 14.01 -18.17 4.37
CA ARG A 230 12.78 -18.81 4.87
C ARG A 230 12.99 -19.74 6.07
N GLU A 231 13.98 -20.62 6.00
CA GLU A 231 14.08 -21.64 7.07
C GLU A 231 14.63 -21.03 8.35
N GLU A 232 15.58 -20.10 8.19
CA GLU A 232 16.06 -19.34 9.31
C GLU A 232 14.94 -18.54 9.98
N ALA A 233 14.14 -17.89 9.17
CA ALA A 233 13.02 -17.03 9.66
C ALA A 233 12.09 -17.89 10.45
N ARG A 234 11.86 -19.11 9.96
CA ARG A 234 10.96 -20.03 10.67
C ARG A 234 11.59 -20.40 12.02
N GLU A 235 12.85 -20.81 12.02
CA GLU A 235 13.49 -21.13 13.29
C GLU A 235 13.37 -19.93 14.23
N LEU A 236 13.74 -18.74 13.75
CA LEU A 236 13.71 -17.57 14.62
C LEU A 236 12.31 -17.24 15.20
N MET A 237 11.27 -17.40 14.41
CA MET A 237 9.96 -17.07 14.92
C MET A 237 9.41 -18.20 15.85
N ALA A 238 9.96 -19.41 15.69
CA ALA A 238 9.57 -20.56 16.53
C ALA A 238 9.89 -20.34 18.01
N ASP A 239 11.04 -19.73 18.27
CA ASP A 239 11.43 -19.43 19.62
C ASP A 239 10.70 -18.20 20.18
N THR A 240 9.51 -18.41 20.74
CA THR A 240 8.57 -17.30 20.93
C THR A 240 8.88 -16.35 22.09
N ARG A 241 9.73 -16.76 23.02
CA ARG A 241 10.17 -15.80 24.02
C ARG A 241 11.17 -14.81 23.41
N GLY A 242 11.65 -15.10 22.19
CA GLY A 242 12.39 -14.10 21.40
C GLY A 242 13.88 -14.07 21.53
N GLU A 243 14.47 -15.00 22.28
CA GLU A 243 15.92 -14.90 22.55
C GLU A 243 16.75 -15.13 21.28
N SER A 244 16.37 -16.09 20.45
CA SER A 244 17.17 -16.36 19.28
C SER A 244 17.11 -15.16 18.30
N LEU A 245 15.97 -14.50 18.25
CA LEU A 245 15.82 -13.32 17.34
C LEU A 245 16.61 -12.16 17.87
N ARG A 246 16.52 -11.87 19.17
CA ARG A 246 17.32 -10.80 19.72
C ARG A 246 18.77 -11.07 19.43
N ARG A 247 19.20 -12.32 19.59
CA ARG A 247 20.63 -12.61 19.40
C ARG A 247 21.05 -12.47 17.96
N ARG A 248 20.21 -12.97 17.06
CA ARG A 248 20.44 -12.77 15.64
C ARG A 248 20.51 -11.28 15.29
N LEU A 249 19.57 -10.48 15.80
CA LEU A 249 19.68 -9.02 15.56
C LEU A 249 20.97 -8.40 16.05
N GLN A 250 21.45 -8.87 17.19
CA GLN A 250 22.68 -8.32 17.78
C GLN A 250 23.84 -8.59 16.89
N ARG A 251 23.74 -9.58 16.02
CA ARG A 251 24.86 -9.83 15.10
C ARG A 251 25.05 -8.70 14.06
N PHE A 252 24.04 -7.85 13.82
CA PHE A 252 24.13 -6.85 12.75
C PHE A 252 23.50 -5.49 13.03
N VAL A 253 22.98 -5.36 14.25
CA VAL A 253 22.33 -4.17 14.74
C VAL A 253 23.12 -3.67 15.94
N GLY A 254 23.70 -2.52 15.74
CA GLY A 254 24.59 -1.96 16.73
C GLY A 254 23.92 -1.20 17.85
N ASP A 255 24.77 -0.70 18.74
CA ASP A 255 24.35 -0.13 20.03
C ASP A 255 23.31 0.95 20.01
N GLU A 256 23.38 1.79 19.02
CA GLU A 256 22.36 2.85 18.85
C GLU A 256 20.96 2.34 18.95
N SER A 257 20.72 1.09 18.56
CA SER A 257 19.39 0.50 18.61
C SER A 257 19.28 -0.60 19.67
N ALA A 258 20.17 -0.63 20.68
CA ALA A 258 20.06 -1.70 21.69
C ALA A 258 18.70 -1.75 22.42
N GLU A 259 18.17 -0.60 22.74
CA GLU A 259 16.87 -0.59 23.42
C GLU A 259 15.77 -1.07 22.50
N ALA A 260 15.90 -0.84 21.19
CA ALA A 260 14.88 -1.33 20.30
C ALA A 260 14.88 -2.84 20.23
N ILE A 261 16.07 -3.43 20.28
CA ILE A 261 16.20 -4.86 20.29
C ILE A 261 15.62 -5.45 21.62
N ALA A 262 15.86 -4.76 22.74
CA ALA A 262 15.31 -5.17 24.06
C ALA A 262 13.80 -5.08 24.10
N ALA A 263 13.23 -4.14 23.33
CA ALA A 263 11.80 -4.09 23.17
C ALA A 263 11.20 -5.32 22.50
N VAL A 264 11.96 -6.11 21.75
CA VAL A 264 11.40 -7.35 21.13
C VAL A 264 11.29 -8.44 22.23
N THR A 265 10.19 -8.41 22.96
CA THR A 265 9.96 -9.33 24.08
C THR A 265 9.47 -10.70 23.67
N GLY A 266 9.14 -10.87 22.40
CA GLY A 266 8.58 -12.13 21.91
C GLY A 266 8.23 -12.06 20.45
N THR A 267 7.96 -13.21 19.87
CA THR A 267 7.71 -13.32 18.43
C THR A 267 6.28 -13.54 18.07
N SER A 268 5.40 -13.67 19.05
CA SER A 268 4.09 -14.22 18.72
C SER A 268 3.19 -13.29 17.92
N ARG A 269 3.41 -12.00 18.04
CA ARG A 269 2.60 -11.07 17.28
C ARG A 269 3.26 -10.59 16.00
N PHE A 270 4.39 -11.20 15.56
CA PHE A 270 4.84 -10.95 14.20
C PHE A 270 3.78 -11.43 13.18
N LYS A 271 3.61 -10.63 12.12
CA LYS A 271 2.71 -10.89 10.99
C LYS A 271 3.54 -10.96 9.72
N GLY A 272 3.25 -11.93 8.88
CA GLY A 272 3.82 -11.95 7.54
C GLY A 272 3.31 -10.82 6.67
N ILE A 273 4.13 -10.43 5.73
CA ILE A 273 3.78 -9.39 4.79
C ILE A 273 3.73 -9.97 3.41
N PRO A 274 2.71 -9.67 2.62
CA PRO A 274 2.73 -10.23 1.25
C PRO A 274 3.90 -9.75 0.39
N ILE A 275 4.45 -10.64 -0.41
CA ILE A 275 5.54 -10.26 -1.35
C ILE A 275 5.22 -10.70 -2.77
N GLY A 276 4.97 -9.79 -3.67
CA GLY A 276 4.81 -10.09 -5.08
C GLY A 276 5.73 -9.22 -5.95
N TYR A 277 5.61 -9.47 -7.23
CA TYR A 277 6.26 -8.75 -8.24
C TYR A 277 5.29 -8.69 -9.39
N LEU A 278 4.71 -7.52 -9.63
CA LEU A 278 3.78 -7.34 -10.74
C LEU A 278 3.67 -5.88 -11.19
N ASN A 279 3.54 -5.65 -12.51
CA ASN A 279 3.00 -4.42 -13.00
C ASN A 279 2.30 -4.76 -14.28
N LEU A 280 0.99 -4.78 -14.22
CA LEU A 280 0.16 -5.35 -15.33
C LEU A 280 0.30 -4.45 -16.54
N ASP A 281 0.35 -5.04 -17.74
CA ASP A 281 0.63 -4.18 -18.92
C ASP A 281 -0.64 -3.43 -19.29
N ARG A 282 -1.81 -3.81 -18.79
CA ARG A 282 -2.99 -2.97 -18.94
C ARG A 282 -3.66 -2.71 -17.59
N TYR A 283 -4.06 -1.47 -17.40
CA TYR A 283 -4.70 -1.06 -16.12
C TYR A 283 -6.19 -0.98 -16.25
N TRP A 284 -6.73 -1.22 -17.47
CA TRP A 284 -8.09 -1.01 -17.76
C TRP A 284 -8.43 -1.77 -19.04
N ALA A 285 -9.68 -2.14 -19.12
CA ALA A 285 -10.28 -2.58 -20.37
C ALA A 285 -11.72 -2.19 -20.42
N ASP A 286 -12.24 -1.80 -21.59
CA ASP A 286 -13.64 -1.38 -21.68
C ASP A 286 -13.90 -0.26 -20.64
N ASN A 287 -14.98 -0.38 -19.84
CA ASN A 287 -15.29 0.55 -18.78
C ASN A 287 -14.87 0.09 -17.38
N VAL A 288 -13.77 -0.67 -17.35
CA VAL A 288 -13.29 -1.34 -16.10
C VAL A 288 -11.88 -0.89 -15.93
N ALA A 289 -11.57 -0.27 -14.78
CA ALA A 289 -10.21 0.17 -14.50
C ALA A 289 -9.77 -0.43 -13.15
N MET A 290 -8.49 -0.49 -12.92
CA MET A 290 -7.97 -1.00 -11.62
C MET A 290 -6.96 -0.03 -11.00
N LEU A 291 -6.68 -0.21 -9.69
CA LEU A 291 -5.73 0.57 -8.95
C LEU A 291 -5.08 -0.31 -7.87
N GLY A 292 -3.97 0.19 -7.37
CA GLY A 292 -3.29 -0.38 -6.20
C GLY A 292 -2.73 -1.79 -6.47
N ASP A 293 -2.93 -2.67 -5.49
CA ASP A 293 -2.36 -3.98 -5.56
C ASP A 293 -3.06 -4.87 -6.64
N ALA A 294 -4.20 -4.45 -7.19
CA ALA A 294 -4.81 -5.09 -8.34
C ALA A 294 -3.98 -5.04 -9.59
N ILE A 295 -3.22 -3.96 -9.74
CA ILE A 295 -2.39 -3.76 -10.90
C ILE A 295 -0.91 -3.90 -10.68
N HIS A 296 -0.35 -3.72 -9.46
CA HIS A 296 1.08 -3.81 -9.26
C HIS A 296 1.33 -4.30 -7.83
N ASN A 297 2.38 -5.08 -7.69
CA ASN A 297 2.84 -5.53 -6.40
C ASN A 297 4.28 -5.15 -6.31
N VAL A 298 4.59 -4.28 -5.34
CA VAL A 298 5.98 -3.91 -5.09
C VAL A 298 6.57 -4.68 -3.89
N HIS A 299 7.85 -4.96 -3.92
CA HIS A 299 8.42 -5.58 -2.76
C HIS A 299 8.22 -4.69 -1.53
N PRO A 300 7.70 -5.27 -0.43
CA PRO A 300 7.45 -4.44 0.75
C PRO A 300 8.70 -3.79 1.39
N ILE A 301 9.92 -4.19 1.01
CA ILE A 301 11.14 -3.46 1.38
C ILE A 301 11.10 -1.99 0.96
N THR A 302 10.32 -1.68 -0.05
CA THR A 302 10.17 -0.30 -0.50
C THR A 302 9.26 0.50 0.43
N GLY A 303 8.43 -0.19 1.18
CA GLY A 303 7.40 0.45 2.01
C GLY A 303 6.19 1.06 1.26
N GLN A 304 6.13 0.99 -0.07
CA GLN A 304 5.23 1.80 -0.87
C GLN A 304 3.89 1.26 -1.32
N GLY A 305 3.49 0.09 -0.83
CA GLY A 305 2.14 -0.41 -1.19
C GLY A 305 0.94 0.49 -0.98
N MET A 306 0.82 1.10 0.20
CA MET A 306 -0.26 2.07 0.42
C MET A 306 -0.01 3.30 -0.40
N ASN A 307 1.21 3.79 -0.41
CA ASN A 307 1.51 5.06 -1.05
C ASN A 307 1.10 5.01 -2.54
N LEU A 308 1.49 3.94 -3.23
CA LEU A 308 1.13 3.81 -4.63
C LEU A 308 -0.35 3.63 -4.92
N ALA A 309 -1.05 2.89 -4.07
CA ALA A 309 -2.51 2.79 -4.12
C ALA A 309 -3.13 4.18 -4.05
N ILE A 310 -2.61 5.03 -3.17
CA ILE A 310 -3.17 6.38 -2.99
C ILE A 310 -2.84 7.26 -4.25
N GLU A 311 -1.64 7.15 -4.77
CA GLU A 311 -1.28 7.89 -5.97
C GLU A 311 -2.12 7.43 -7.15
N ASP A 312 -2.33 6.10 -7.33
CA ASP A 312 -3.21 5.61 -8.37
C ASP A 312 -4.64 6.19 -8.18
N ALA A 313 -5.15 6.15 -6.95
CA ALA A 313 -6.47 6.62 -6.72
C ALA A 313 -6.67 8.03 -7.16
N SER A 314 -5.72 8.88 -6.83
CA SER A 314 -5.82 10.27 -7.22
C SER A 314 -5.82 10.45 -8.72
N ALA A 315 -4.89 9.82 -9.42
CA ALA A 315 -4.85 9.89 -10.88
C ALA A 315 -6.12 9.33 -11.51
N LEU A 316 -6.70 8.27 -10.95
CA LEU A 316 -7.91 7.70 -11.46
C LEU A 316 -9.11 8.58 -11.19
N ALA A 317 -9.15 9.19 -10.02
CA ALA A 317 -10.24 10.12 -9.72
C ALA A 317 -10.19 11.27 -10.75
N ASP A 318 -9.00 11.73 -11.12
CA ASP A 318 -8.89 12.87 -12.08
C ASP A 318 -9.44 12.40 -13.43
N ALA A 319 -9.05 11.19 -13.85
CA ALA A 319 -9.37 10.70 -15.17
C ALA A 319 -10.87 10.39 -15.22
N LEU A 320 -11.41 9.81 -14.17
CA LEU A 320 -12.81 9.51 -14.12
C LEU A 320 -13.66 10.80 -14.03
N ASP A 321 -13.19 11.78 -13.27
CA ASP A 321 -13.93 13.05 -13.20
C ASP A 321 -14.09 13.56 -14.63
N LEU A 322 -12.99 13.55 -15.41
CA LEU A 322 -13.07 14.01 -16.82
C LEU A 322 -14.05 13.28 -17.64
N ALA A 323 -14.05 11.95 -17.50
CA ALA A 323 -14.93 11.16 -18.31
C ALA A 323 -16.35 11.39 -17.90
N LEU A 324 -16.61 11.44 -16.61
CA LEU A 324 -17.96 11.48 -16.11
C LEU A 324 -18.62 12.86 -16.37
N ARG A 325 -17.79 13.85 -16.45
CA ARG A 325 -18.20 15.24 -16.87
C ARG A 325 -18.37 15.44 -18.36
N ASP A 326 -17.94 14.44 -19.12
CA ASP A 326 -17.96 14.44 -20.58
C ASP A 326 -16.94 15.36 -21.20
N ALA A 327 -15.89 15.70 -20.46
CA ALA A 327 -14.76 16.41 -20.98
C ALA A 327 -13.96 15.55 -21.89
N CYS A 328 -14.06 14.26 -21.71
CA CYS A 328 -13.48 13.34 -22.68
C CYS A 328 -14.08 11.98 -22.60
N ALA A 329 -13.76 11.22 -23.64
CA ALA A 329 -14.22 9.87 -23.79
C ALA A 329 -13.47 9.08 -22.72
N LEU A 330 -14.20 8.13 -22.17
CA LEU A 330 -13.72 7.22 -21.11
C LEU A 330 -12.45 6.53 -21.53
N GLU A 331 -12.38 6.11 -22.78
CA GLU A 331 -11.20 5.38 -23.26
C GLU A 331 -10.00 6.26 -23.31
N ASP A 332 -10.17 7.53 -23.69
CA ASP A 332 -9.08 8.44 -23.67
C ASP A 332 -8.68 8.76 -22.20
N ALA A 333 -9.66 8.89 -21.31
CA ALA A 333 -9.41 9.27 -19.92
C ALA A 333 -8.61 8.11 -19.24
N LEU A 334 -9.04 6.84 -19.50
CA LEU A 334 -8.40 5.63 -18.95
C LEU A 334 -7.07 5.41 -19.55
N ALA A 335 -6.95 5.58 -20.86
CA ALA A 335 -5.63 5.60 -21.43
C ALA A 335 -4.72 6.64 -20.81
N GLY A 336 -5.25 7.82 -20.44
CA GLY A 336 -4.45 8.85 -19.76
C GLY A 336 -3.94 8.44 -18.32
N TYR A 337 -4.85 7.83 -17.61
CA TYR A 337 -4.57 7.22 -16.26
C TYR A 337 -3.41 6.27 -16.41
N GLN A 338 -3.50 5.34 -17.33
CA GLN A 338 -2.39 4.37 -17.49
C GLN A 338 -1.08 5.03 -17.86
N ALA A 339 -1.11 5.97 -18.80
CA ALA A 339 0.18 6.63 -19.18
C ALA A 339 0.82 7.39 -18.01
N GLU A 340 0.01 7.98 -17.15
CA GLU A 340 0.53 8.76 -16.01
C GLU A 340 1.13 7.80 -14.91
N ARG A 341 0.39 6.77 -14.61
CA ARG A 341 0.77 5.85 -13.51
C ARG A 341 1.78 4.76 -13.87
N PHE A 342 1.65 4.14 -15.03
CA PHE A 342 2.46 3.00 -15.36
C PHE A 342 3.99 3.17 -15.17
N PRO A 343 4.57 4.23 -15.69
CA PRO A 343 5.99 4.46 -15.48
C PRO A 343 6.42 4.64 -14.01
N VAL A 344 5.57 5.26 -13.20
CA VAL A 344 5.86 5.50 -11.80
C VAL A 344 5.81 4.16 -11.05
N ASN A 345 4.75 3.39 -11.28
CA ASN A 345 4.59 2.11 -10.61
C ASN A 345 5.70 1.15 -11.03
N GLN A 346 5.99 1.10 -12.33
CA GLN A 346 7.09 0.29 -12.89
C GLN A 346 8.45 0.58 -12.24
N ALA A 347 8.80 1.84 -12.04
CA ALA A 347 10.05 2.17 -11.41
C ALA A 347 10.20 1.66 -9.97
N ILE A 348 9.11 1.72 -9.20
CA ILE A 348 9.16 1.21 -7.85
C ILE A 348 9.17 -0.31 -7.83
N VAL A 349 8.44 -0.95 -8.74
CA VAL A 349 8.46 -2.40 -8.84
C VAL A 349 9.88 -2.84 -9.17
N SER A 350 10.48 -2.21 -10.13
CA SER A 350 11.94 -2.56 -10.46
C SER A 350 12.90 -2.30 -9.27
N TYR A 351 12.76 -1.13 -8.62
CA TYR A 351 13.58 -0.73 -7.44
C TYR A 351 13.47 -1.74 -6.28
N GLY A 352 12.23 -2.12 -5.96
CA GLY A 352 11.98 -3.11 -4.91
C GLY A 352 12.71 -4.41 -5.12
N HIS A 353 12.58 -4.94 -6.32
CA HIS A 353 13.21 -6.21 -6.69
C HIS A 353 14.74 -6.04 -6.63
N ALA A 354 15.23 -4.92 -7.12
CA ALA A 354 16.69 -4.64 -7.08
C ALA A 354 17.23 -4.56 -5.66
N LEU A 355 16.52 -3.87 -4.77
CA LEU A 355 16.87 -3.85 -3.36
C LEU A 355 16.84 -5.22 -2.71
N ALA A 356 15.74 -5.95 -2.89
CA ALA A 356 15.57 -7.23 -2.21
C ALA A 356 16.61 -8.27 -2.58
N THR A 357 17.04 -8.22 -3.82
CA THR A 357 17.97 -9.21 -4.36
C THR A 357 19.40 -8.81 -4.18
N SER A 358 19.66 -7.61 -3.66
CA SER A 358 21.03 -7.12 -3.50
C SER A 358 21.52 -7.00 -2.04
N LEU A 359 20.65 -7.30 -1.07
CA LEU A 359 20.97 -7.23 0.38
C LEU A 359 22.30 -7.59 0.84
N GLU A 360 22.68 -8.78 0.46
CA GLU A 360 23.85 -9.42 0.93
C GLU A 360 25.09 -8.67 0.42
N ASP A 361 24.97 -8.04 -0.74
CA ASP A 361 26.14 -7.49 -1.44
C ASP A 361 26.20 -5.99 -1.18
N ARG A 362 27.01 -5.59 -0.20
CA ARG A 362 27.08 -4.24 0.29
C ARG A 362 27.23 -3.19 -0.82
N GLN A 363 28.13 -3.44 -1.76
CA GLN A 363 28.37 -2.47 -2.81
C GLN A 363 27.15 -2.35 -3.80
N ARG A 364 26.59 -3.49 -4.14
CA ARG A 364 25.51 -3.61 -5.09
C ARG A 364 24.27 -2.86 -4.45
N PHE A 365 24.09 -3.10 -3.16
CA PHE A 365 22.93 -2.53 -2.39
C PHE A 365 23.04 -1.05 -2.32
N ALA A 366 24.25 -0.52 -2.01
CA ALA A 366 24.46 0.92 -2.05
C ALA A 366 24.22 1.50 -3.48
N GLY A 367 24.64 0.76 -4.50
CA GLY A 367 24.43 1.16 -5.88
C GLY A 367 22.98 1.24 -6.25
N VAL A 368 22.16 0.33 -5.72
CA VAL A 368 20.73 0.42 -5.91
C VAL A 368 20.13 1.68 -5.28
N PHE A 369 20.54 2.02 -4.08
CA PHE A 369 20.08 3.26 -3.46
C PHE A 369 20.38 4.47 -4.33
N ASP A 370 21.58 4.53 -4.84
CA ASP A 370 21.97 5.72 -5.57
C ASP A 370 21.25 5.92 -6.88
N THR A 371 21.16 4.87 -7.70
CA THR A 371 20.65 5.02 -9.06
C THR A 371 19.22 5.63 -9.16
PA FAD B . -5.90 -3.49 -0.05
O1A FAD B . -5.49 -2.50 0.97
O2A FAD B . -5.59 -4.96 -0.18
O5B FAD B . -7.49 -3.38 -0.10
C5B FAD B . -8.34 -4.28 -0.87
C4B FAD B . -9.72 -4.32 -0.28
O4B FAD B . -10.51 -5.09 -1.17
C3B FAD B . -9.77 -5.00 1.08
O3B FAD B . -10.59 -4.20 1.93
C2B FAD B . -10.44 -6.35 0.82
O2B FAD B . -11.19 -6.82 1.90
C1B FAD B . -11.30 -5.95 -0.38
N9A FAD B . -11.63 -7.07 -1.30
C8A FAD B . -10.79 -8.00 -1.80
N7A FAD B . -11.51 -8.84 -2.59
C5A FAD B . -12.77 -8.41 -2.64
C6A FAD B . -14.04 -8.86 -3.28
N6A FAD B . -14.04 -9.93 -4.08
N1A FAD B . -15.13 -8.14 -3.05
C2A FAD B . -15.11 -7.04 -2.27
N3A FAD B . -14.01 -6.61 -1.60
C4A FAD B . -12.84 -7.25 -1.75
N1 FAD B . 3.37 -2.90 1.69
C2 FAD B . 4.62 -2.38 1.70
O2 FAD B . 5.06 -1.84 0.67
N3 FAD B . 5.46 -2.36 2.77
C4 FAD B . 5.13 -2.97 3.90
O4 FAD B . 5.89 -3.02 4.90
C4X FAD B . 3.80 -3.58 3.95
N5 FAD B . 3.39 -4.15 5.09
C5X FAD B . 2.22 -4.86 5.12
C6 FAD B . 1.86 -5.54 6.25
C7 FAD B . 0.68 -6.27 6.30
C7M FAD B . 0.32 -6.98 7.58
C8 FAD B . -0.19 -6.33 5.10
C8M FAD B . -1.57 -6.99 5.12
C9 FAD B . 0.14 -5.59 3.97
C9A FAD B . 1.35 -4.87 3.92
N10 FAD B . 1.77 -4.17 2.79
C10 FAD B . 2.97 -3.53 2.78
C1' FAD B . 0.96 -4.05 1.56
C2' FAD B . 0.11 -2.76 1.62
O2' FAD B . -0.75 -2.77 2.80
C3' FAD B . -0.80 -2.78 0.40
O3' FAD B . 0.00 -2.65 -0.72
C4' FAD B . -1.89 -1.74 0.29
O4' FAD B . -2.91 -1.88 1.32
C5' FAD B . -2.59 -1.85 -1.06
O5' FAD B . -3.81 -1.09 -0.99
P FAD B . -5.01 -1.44 -1.99
O1P FAD B . -4.62 -1.60 -3.39
O2P FAD B . -6.09 -0.46 -1.70
O3P FAD B . -5.53 -2.87 -1.48
#